data_2BF8
#
_entry.id   2BF8
#
_cell.length_a   58.391
_cell.length_b   58.391
_cell.length_c   162.842
_cell.angle_alpha   90.00
_cell.angle_beta   90.00
_cell.angle_gamma   90.00
#
_symmetry.space_group_name_H-M   'P 43 21 2'
#
loop_
_entity.id
_entity.type
_entity.pdbx_description
1 polymer 'UBIQUITIN-CONJUGATING ENZYME E2-25 KDA'
2 polymer 'UBIQUITIN-LIKE PROTEIN SMT3C'
3 water water
#
loop_
_entity_poly.entity_id
_entity_poly.type
_entity_poly.pdbx_seq_one_letter_code
_entity_poly.pdbx_strand_id
1 'polypeptide(L)'
;GAMAMANIAVQRIKREFKEVLKSEETSKNQIKVDLVDENFTELRGEIAGPPDTPYEGGRYQLEIKIPETYPFNPPKVRFI
TKIWHPNISSVTGAICLDILKDQWAAAMTLRTVLLSLQALLAAAEPDDPQDAVVANQYKQNPEMFKQTARLWAHVYAGA
;
A
2 'polypeptide(L)' YIKLKVIGQDSSEIHFKVKMTTHLKKLKESYCQRQGVPMNSLRFLFEGQRIADNHTPKELGMEEEDVIEVYQEQTGG B
#
# COMPACT_ATOMS: atom_id res chain seq x y z
N ALA A 6 8.87 12.61 2.46
CA ALA A 6 7.97 12.71 3.67
C ALA A 6 7.98 11.42 4.46
N ASN A 7 8.09 11.58 5.78
CA ASN A 7 7.76 10.48 6.68
C ASN A 7 6.26 10.21 6.64
N ILE A 8 5.45 11.21 6.29
CA ILE A 8 4.02 10.97 6.08
C ILE A 8 3.87 9.99 4.94
N ALA A 9 4.68 10.13 3.90
CA ALA A 9 4.62 9.25 2.77
C ALA A 9 5.13 7.81 3.10
N VAL A 10 6.14 7.69 3.97
CA VAL A 10 6.69 6.36 4.32
C VAL A 10 5.74 5.61 5.27
N GLN A 11 5.31 6.26 6.33
CA GLN A 11 4.23 5.71 7.17
C GLN A 11 3.01 5.27 6.34
N ARG A 12 2.57 6.13 5.43
CA ARG A 12 1.50 5.74 4.53
C ARG A 12 1.75 4.49 3.72
N ILE A 13 2.92 4.42 3.08
CA ILE A 13 3.23 3.27 2.26
C ILE A 13 3.26 1.97 3.08
N LYS A 14 3.82 2.07 4.28
CA LYS A 14 3.85 0.95 5.19
C LYS A 14 2.46 0.44 5.51
N ARG A 15 1.57 1.38 5.83
CA ARG A 15 0.17 1.03 6.09
C ARG A 15 -0.54 0.36 4.92
N GLU A 16 -0.28 0.87 3.72
CA GLU A 16 -0.90 0.33 2.50
C GLU A 16 -0.25 -0.99 2.07
N PHE A 17 1.01 -1.17 2.40
CA PHE A 17 1.71 -2.44 2.19
C PHE A 17 0.98 -3.53 3.00
N LYS A 18 0.77 -3.27 4.30
CA LYS A 18 0.05 -4.20 5.20
C LYS A 18 -1.40 -4.41 4.86
N GLU A 19 -2.04 -3.39 4.35
CA GLU A 19 -3.37 -3.51 3.81
C GLU A 19 -3.42 -4.53 2.69
N VAL A 20 -2.47 -4.50 1.78
CA VAL A 20 -2.39 -5.55 0.74
C VAL A 20 -2.10 -6.96 1.38
N LEU A 21 -1.10 -7.04 2.24
CA LEU A 21 -0.81 -8.27 3.03
C LEU A 21 -2.05 -8.93 3.60
N LYS A 22 -2.96 -8.13 4.15
CA LYS A 22 -4.14 -8.61 4.87
C LYS A 22 -5.35 -8.80 3.94
N SER A 23 -5.21 -8.51 2.65
CA SER A 23 -6.34 -8.47 1.77
C SER A 23 -6.79 -9.88 1.38
N GLU A 24 -8.08 -9.93 1.03
CA GLU A 24 -8.71 -11.13 0.54
C GLU A 24 -8.07 -11.59 -0.74
N GLU A 25 -7.79 -10.62 -1.62
CA GLU A 25 -7.16 -10.84 -2.94
C GLU A 25 -5.77 -11.50 -2.80
N THR A 26 -4.98 -11.04 -1.83
CA THR A 26 -3.82 -11.79 -1.38
C THR A 26 -4.12 -13.18 -0.84
N SER A 27 -5.09 -13.33 0.06
CA SER A 27 -5.32 -14.70 0.58
C SER A 27 -5.79 -15.69 -0.51
N LYS A 28 -6.41 -15.14 -1.56
CA LYS A 28 -6.79 -15.86 -2.78
C LYS A 28 -5.68 -15.93 -3.80
N ASN A 29 -4.57 -15.29 -3.49
CA ASN A 29 -3.36 -15.29 -4.30
C ASN A 29 -3.59 -14.66 -5.68
N GLN A 30 -4.35 -13.57 -5.71
CA GLN A 30 -4.57 -12.80 -6.95
C GLN A 30 -3.56 -11.70 -7.06
N ILE A 31 -3.29 -11.04 -5.93
CA ILE A 31 -2.29 -9.98 -5.84
C ILE A 31 -1.40 -10.20 -4.63
N LYS A 32 -0.22 -9.64 -4.71
CA LYS A 32 0.72 -9.59 -3.59
C LYS A 32 1.72 -8.43 -3.80
N VAL A 33 2.39 -8.07 -2.72
CA VAL A 33 3.41 -7.07 -2.82
C VAL A 33 4.59 -7.41 -1.93
N ASP A 34 5.79 -7.23 -2.47
CA ASP A 34 7.03 -7.41 -1.69
C ASP A 34 7.75 -6.10 -1.50
N LEU A 35 8.52 -6.09 -0.46
CA LEU A 35 9.24 -4.93 -0.09
C LEU A 35 10.59 -5.02 -0.83
N VAL A 36 11.12 -3.95 -1.40
CA VAL A 36 12.42 -4.04 -2.10
C VAL A 36 13.49 -3.29 -1.31
N ASP A 37 13.20 -2.03 -0.97
CA ASP A 37 14.08 -1.18 -0.20
C ASP A 37 13.54 -1.01 1.21
N GLU A 38 14.49 -0.97 2.13
CA GLU A 38 14.27 -0.67 3.53
C GLU A 38 13.44 0.60 3.78
N ASN A 39 13.51 1.52 2.82
CA ASN A 39 12.91 2.84 2.94
C ASN A 39 11.47 2.95 2.42
N PHE A 40 10.90 1.87 1.89
CA PHE A 40 9.56 1.88 1.30
C PHE A 40 9.35 2.78 0.04
N THR A 41 10.41 3.09 -0.69
CA THR A 41 10.32 3.91 -1.93
C THR A 41 10.20 3.03 -3.16
N GLU A 42 10.47 1.74 -3.01
CA GLU A 42 10.30 0.80 -4.08
C GLU A 42 9.69 -0.51 -3.59
N LEU A 43 8.70 -0.96 -4.35
CA LEU A 43 8.00 -2.20 -4.09
C LEU A 43 8.01 -3.09 -5.31
N ARG A 44 7.67 -4.34 -5.09
CA ARG A 44 7.43 -5.22 -6.18
C ARG A 44 6.12 -5.89 -6.01
N GLY A 45 5.25 -5.65 -6.99
CA GLY A 45 3.89 -6.18 -7.02
C GLY A 45 3.89 -7.42 -7.88
N GLU A 46 2.93 -8.29 -7.66
CA GLU A 46 2.67 -9.43 -8.51
C GLU A 46 1.16 -9.63 -8.63
N ILE A 47 0.70 -9.73 -9.87
CA ILE A 47 -0.69 -10.06 -10.16
C ILE A 47 -0.81 -11.35 -10.96
N ALA A 48 -1.81 -12.14 -10.65
CA ALA A 48 -2.10 -13.34 -11.43
C ALA A 48 -2.80 -12.97 -12.73
N GLY A 49 -2.56 -13.80 -13.76
CA GLY A 49 -3.26 -13.67 -15.01
C GLY A 49 -4.71 -13.95 -14.68
N PRO A 50 -5.61 -13.01 -15.02
CA PRO A 50 -7.05 -13.21 -14.75
C PRO A 50 -7.58 -14.36 -15.60
N PRO A 51 -8.58 -15.08 -15.09
CA PRO A 51 -9.09 -16.21 -15.81
C PRO A 51 -9.82 -15.78 -17.07
N ASP A 52 -9.87 -16.71 -18.02
CA ASP A 52 -10.49 -16.48 -19.32
C ASP A 52 -9.87 -15.27 -20.01
N THR A 53 -8.54 -15.16 -19.93
CA THR A 53 -7.73 -14.25 -20.77
C THR A 53 -6.50 -15.05 -21.20
N PRO A 54 -5.72 -14.55 -22.17
CA PRO A 54 -4.48 -15.22 -22.54
C PRO A 54 -3.35 -15.15 -21.50
N TYR A 55 -3.52 -14.36 -20.45
CA TYR A 55 -2.52 -14.25 -19.35
C TYR A 55 -2.75 -15.33 -18.28
N GLU A 56 -3.93 -15.96 -18.30
CA GLU A 56 -4.33 -16.91 -17.27
C GLU A 56 -3.28 -18.03 -17.10
N GLY A 57 -2.99 -18.37 -15.85
CA GLY A 57 -1.85 -19.25 -15.51
C GLY A 57 -0.56 -18.50 -15.25
N GLY A 58 -0.52 -17.22 -15.65
CA GLY A 58 0.68 -16.47 -15.53
C GLY A 58 0.72 -15.59 -14.29
N ARG A 59 1.94 -15.22 -13.89
CA ARG A 59 2.18 -14.24 -12.85
C ARG A 59 3.13 -13.11 -13.35
N TYR A 60 2.69 -11.90 -13.11
CA TYR A 60 3.30 -10.68 -13.61
C TYR A 60 3.81 -9.81 -12.48
N GLN A 61 5.14 -9.63 -12.45
CA GLN A 61 5.81 -8.70 -11.57
C GLN A 61 5.83 -7.28 -12.14
N LEU A 62 5.69 -6.38 -11.19
CA LEU A 62 5.46 -4.96 -11.39
C LEU A 62 6.46 -4.25 -10.50
N GLU A 63 7.29 -3.41 -11.10
CA GLU A 63 8.17 -2.52 -10.41
C GLU A 63 7.38 -1.32 -9.92
N ILE A 64 7.42 -0.99 -8.65
CA ILE A 64 6.55 0.15 -8.17
C ILE A 64 7.49 1.11 -7.51
N LYS A 65 7.54 2.35 -7.98
CA LYS A 65 8.47 3.31 -7.38
C LYS A 65 7.67 4.50 -6.90
N ILE A 66 7.93 4.93 -5.67
CA ILE A 66 7.19 6.02 -5.06
C ILE A 66 8.01 7.29 -5.25
N PRO A 67 7.61 8.20 -6.15
CA PRO A 67 8.35 9.48 -6.34
C PRO A 67 8.23 10.34 -5.09
N GLU A 68 9.11 11.32 -4.98
CA GLU A 68 9.12 12.30 -3.85
C GLU A 68 7.84 13.12 -3.71
N THR A 69 7.14 13.38 -4.82
CA THR A 69 5.91 14.16 -4.76
C THR A 69 4.65 13.32 -4.59
N TYR A 70 4.79 12.02 -4.37
CA TYR A 70 3.68 11.21 -3.90
C TYR A 70 3.28 11.80 -2.55
N PRO A 71 1.99 11.83 -2.21
CA PRO A 71 0.90 11.31 -3.03
C PRO A 71 0.25 12.30 -4.01
N PHE A 72 0.92 13.38 -4.35
N PHE A 72 0.86 13.47 -4.24
CA PHE A 72 0.28 14.34 -5.24
CA PHE A 72 0.36 14.42 -5.27
C PHE A 72 0.56 13.94 -6.69
C PHE A 72 0.48 13.77 -6.64
N ASN A 73 1.64 13.20 -6.91
CA ASN A 73 1.85 12.45 -8.13
C ASN A 73 1.76 10.91 -7.81
N PRO A 74 1.33 10.11 -8.80
CA PRO A 74 1.13 8.69 -8.66
C PRO A 74 2.40 7.87 -8.51
N PRO A 75 2.30 6.66 -7.99
CA PRO A 75 3.42 5.71 -8.11
C PRO A 75 3.78 5.53 -9.60
N LYS A 76 5.06 5.34 -9.88
CA LYS A 76 5.56 4.98 -11.20
C LYS A 76 5.57 3.45 -11.31
N VAL A 77 4.67 2.92 -12.14
CA VAL A 77 4.50 1.48 -12.26
C VAL A 77 4.92 1.03 -13.69
N ARG A 78 5.65 -0.09 -13.74
CA ARG A 78 6.15 -0.76 -14.92
C ARG A 78 6.02 -2.26 -14.75
N PHE A 79 5.57 -2.97 -15.77
CA PHE A 79 5.81 -4.41 -15.83
C PHE A 79 7.28 -4.81 -16.01
N ILE A 80 7.75 -5.63 -15.05
CA ILE A 80 9.00 -6.33 -15.12
C ILE A 80 8.79 -7.54 -16.03
N THR A 81 7.71 -8.28 -15.84
CA THR A 81 7.34 -9.44 -16.69
C THR A 81 6.81 -8.95 -18.04
N LYS A 82 7.49 -9.34 -19.12
CA LYS A 82 7.02 -8.96 -20.45
C LYS A 82 5.68 -9.61 -20.72
N ILE A 83 4.86 -8.85 -21.43
CA ILE A 83 3.47 -9.17 -21.64
C ILE A 83 3.05 -8.48 -22.96
N TRP A 84 2.20 -9.19 -23.68
CA TRP A 84 1.59 -8.79 -24.91
C TRP A 84 0.18 -8.22 -24.66
N HIS A 85 0.10 -6.89 -24.61
CA HIS A 85 -1.13 -6.17 -24.24
C HIS A 85 -1.14 -4.78 -24.88
N PRO A 86 -2.24 -4.39 -25.53
CA PRO A 86 -2.30 -3.07 -26.20
C PRO A 86 -1.98 -1.85 -25.32
N ASN A 87 -2.23 -1.95 -24.00
CA ASN A 87 -1.98 -0.84 -23.07
C ASN A 87 -0.68 -1.00 -22.22
N ILE A 88 0.18 -1.95 -22.60
CA ILE A 88 1.51 -2.13 -22.01
C ILE A 88 2.60 -2.24 -23.10
N SER A 89 3.71 -1.54 -22.96
CA SER A 89 4.85 -1.71 -23.87
C SER A 89 5.36 -3.12 -23.84
N SER A 90 5.42 -3.73 -25.01
CA SER A 90 5.98 -5.08 -25.17
C SER A 90 7.50 -5.07 -24.98
N VAL A 91 8.12 -3.93 -25.20
CA VAL A 91 9.54 -3.77 -24.97
C VAL A 91 9.89 -3.37 -23.54
N THR A 92 9.23 -2.34 -23.01
CA THR A 92 9.63 -1.82 -21.69
C THR A 92 8.70 -2.14 -20.50
N GLY A 93 7.51 -2.64 -20.75
CA GLY A 93 6.58 -2.82 -19.68
C GLY A 93 5.88 -1.56 -19.24
N ALA A 94 6.16 -0.40 -19.88
CA ALA A 94 5.47 0.86 -19.54
C ALA A 94 4.00 0.65 -19.74
N ILE A 95 3.19 1.30 -18.90
CA ILE A 95 1.75 1.05 -18.77
C ILE A 95 0.91 2.27 -19.22
N CYS A 96 -0.07 2.11 -20.08
CA CYS A 96 -1.04 3.21 -20.29
C CYS A 96 -2.30 2.93 -19.43
N LEU A 97 -2.60 3.79 -18.45
CA LEU A 97 -3.72 3.59 -17.55
C LEU A 97 -4.04 4.87 -16.81
N ASP A 98 -5.27 5.33 -16.91
CA ASP A 98 -5.62 6.65 -16.45
C ASP A 98 -5.21 6.96 -15.02
N ILE A 99 -5.40 6.00 -14.12
CA ILE A 99 -5.14 6.26 -12.70
C ILE A 99 -3.67 6.43 -12.34
N LEU A 100 -2.81 6.03 -13.27
CA LEU A 100 -1.38 6.29 -13.21
C LEU A 100 -1.01 7.63 -13.89
N LYS A 101 -1.96 8.27 -14.53
CA LYS A 101 -1.74 9.55 -15.19
C LYS A 101 -2.75 10.66 -14.67
N ASP A 102 -3.66 11.15 -15.51
CA ASP A 102 -4.46 12.35 -15.19
C ASP A 102 -5.62 12.05 -14.27
N GLN A 103 -5.96 10.77 -14.16
CA GLN A 103 -6.99 10.35 -13.21
C GLN A 103 -6.43 9.79 -11.89
N TRP A 104 -5.12 9.90 -11.62
CA TRP A 104 -4.59 9.62 -10.27
C TRP A 104 -5.35 10.45 -9.22
N ALA A 105 -5.67 9.85 -8.07
CA ALA A 105 -6.21 10.58 -6.94
C ALA A 105 -5.43 10.24 -5.69
N ALA A 106 -5.12 11.29 -4.94
CA ALA A 106 -4.19 11.16 -3.81
C ALA A 106 -4.60 10.12 -2.77
N ALA A 107 -5.89 9.84 -2.63
CA ALA A 107 -6.38 8.91 -1.68
C ALA A 107 -6.38 7.44 -2.16
N MET A 108 -5.97 7.18 -3.41
CA MET A 108 -5.85 5.83 -3.93
C MET A 108 -4.68 5.07 -3.30
N THR A 109 -4.91 3.78 -3.07
CA THR A 109 -4.04 2.94 -2.26
C THR A 109 -3.32 1.97 -3.18
N LEU A 110 -2.25 1.39 -2.67
CA LEU A 110 -1.54 0.33 -3.37
C LEU A 110 -2.48 -0.76 -3.82
N ARG A 111 -3.34 -1.20 -2.92
CA ARG A 111 -4.37 -2.18 -3.29
C ARG A 111 -5.22 -1.74 -4.47
N THR A 112 -5.73 -0.52 -4.43
CA THR A 112 -6.44 0.01 -5.57
C THR A 112 -5.64 -0.07 -6.86
N VAL A 113 -4.38 0.30 -6.82
CA VAL A 113 -3.55 0.24 -8.00
C VAL A 113 -3.44 -1.20 -8.54
N LEU A 114 -3.19 -2.15 -7.64
CA LEU A 114 -2.96 -3.53 -8.02
C LEU A 114 -4.19 -4.14 -8.65
N LEU A 115 -5.34 -3.85 -8.09
CA LEU A 115 -6.61 -4.31 -8.60
C LEU A 115 -6.97 -3.67 -9.92
N SER A 116 -6.54 -2.45 -10.11
CA SER A 116 -6.82 -1.76 -11.36
C SER A 116 -6.00 -2.40 -12.51
N LEU A 117 -4.76 -2.73 -12.19
CA LEU A 117 -3.85 -3.39 -13.14
C LEU A 117 -4.31 -4.80 -13.51
N GLN A 118 -4.80 -5.52 -12.51
CA GLN A 118 -5.45 -6.80 -12.73
C GLN A 118 -6.69 -6.66 -13.63
N ALA A 119 -7.55 -5.69 -13.36
CA ALA A 119 -8.67 -5.38 -14.26
C ALA A 119 -8.16 -4.90 -15.63
N LEU A 120 -7.01 -4.22 -15.66
CA LEU A 120 -6.40 -3.79 -16.96
C LEU A 120 -6.13 -4.99 -17.83
N LEU A 121 -5.55 -6.04 -17.22
CA LEU A 121 -5.24 -7.28 -17.92
C LEU A 121 -6.51 -7.90 -18.55
N ALA A 122 -7.64 -7.79 -17.87
CA ALA A 122 -8.90 -8.38 -18.37
C ALA A 122 -9.69 -7.45 -19.26
N ALA A 123 -9.21 -6.23 -19.49
CA ALA A 123 -10.02 -5.22 -20.15
C ALA A 123 -9.22 -4.16 -20.86
N ALA A 124 -8.86 -4.39 -22.12
CA ALA A 124 -8.07 -3.42 -22.89
C ALA A 124 -8.83 -2.21 -23.46
N GLU A 125 -8.09 -1.12 -23.67
CA GLU A 125 -8.55 0.03 -24.45
C GLU A 125 -7.60 0.17 -25.63
N PRO A 126 -7.89 -0.51 -26.73
CA PRO A 126 -7.01 -0.47 -27.89
C PRO A 126 -6.98 0.88 -28.60
N ASP A 127 -8.04 1.70 -28.52
CA ASP A 127 -8.00 3.05 -29.09
C ASP A 127 -7.22 4.06 -28.23
N ASP A 128 -6.61 3.61 -27.15
CA ASP A 128 -5.59 4.41 -26.46
C ASP A 128 -4.39 3.54 -26.11
N PRO A 129 -3.69 3.05 -27.14
CA PRO A 129 -2.64 2.07 -26.93
C PRO A 129 -1.36 2.61 -26.30
N GLN A 130 -0.60 1.71 -25.69
CA GLN A 130 0.79 1.97 -25.35
C GLN A 130 1.70 1.34 -26.42
N ASP A 131 1.23 0.27 -27.04
CA ASP A 131 1.98 -0.46 -28.01
C ASP A 131 1.13 -0.59 -29.30
N ALA A 132 1.27 0.38 -30.19
CA ALA A 132 0.40 0.48 -31.36
C ALA A 132 0.46 -0.74 -32.28
N VAL A 133 1.60 -1.43 -32.32
CA VAL A 133 1.73 -2.66 -33.08
C VAL A 133 0.76 -3.69 -32.47
N VAL A 134 0.93 -3.96 -31.17
CA VAL A 134 0.09 -4.91 -30.41
C VAL A 134 -1.39 -4.50 -30.51
N ALA A 135 -1.69 -3.21 -30.30
CA ALA A 135 -3.06 -2.70 -30.39
C ALA A 135 -3.67 -2.80 -31.74
N ASN A 136 -2.85 -2.64 -32.79
CA ASN A 136 -3.32 -2.81 -34.16
C ASN A 136 -3.65 -4.27 -34.43
N GLN A 137 -2.85 -5.15 -33.85
CA GLN A 137 -3.08 -6.59 -33.98
C GLN A 137 -4.36 -7.05 -33.23
N TYR A 138 -4.48 -6.63 -31.97
CA TYR A 138 -5.72 -6.83 -31.22
C TYR A 138 -6.95 -6.47 -32.09
N LYS A 139 -6.91 -5.29 -32.69
CA LYS A 139 -8.03 -4.76 -33.49
C LYS A 139 -8.20 -5.45 -34.83
N GLN A 140 -7.09 -5.69 -35.53
CA GLN A 140 -7.17 -6.21 -36.89
C GLN A 140 -7.07 -7.72 -36.99
N ASN A 141 -6.50 -8.38 -35.98
CA ASN A 141 -6.30 -9.82 -36.06
C ASN A 141 -6.31 -10.50 -34.69
N PRO A 142 -7.51 -10.58 -34.11
CA PRO A 142 -7.67 -10.96 -32.72
C PRO A 142 -7.02 -12.29 -32.40
N GLU A 143 -7.11 -13.24 -33.34
CA GLU A 143 -6.69 -14.61 -33.12
C GLU A 143 -5.18 -14.75 -33.03
N MET A 144 -4.45 -14.06 -33.91
CA MET A 144 -2.99 -13.96 -33.79
C MET A 144 -2.56 -13.23 -32.50
N PHE A 145 -3.33 -12.22 -32.12
CA PHE A 145 -3.12 -11.52 -30.83
C PHE A 145 -3.21 -12.47 -29.63
N LYS A 146 -4.24 -13.31 -29.59
CA LYS A 146 -4.39 -14.26 -28.49
C LYS A 146 -3.24 -15.27 -28.48
N GLN A 147 -2.96 -15.91 -29.62
CA GLN A 147 -1.93 -16.94 -29.66
C GLN A 147 -0.61 -16.37 -29.17
N THR A 148 -0.34 -15.10 -29.50
CA THR A 148 0.92 -14.46 -29.15
C THR A 148 0.94 -14.11 -27.67
N ALA A 149 -0.13 -13.48 -27.20
CA ALA A 149 -0.30 -13.21 -25.76
C ALA A 149 -0.19 -14.49 -24.92
N ARG A 150 -0.75 -15.59 -25.41
CA ARG A 150 -0.65 -16.88 -24.71
C ARG A 150 0.78 -17.41 -24.70
N LEU A 151 1.50 -17.26 -25.79
CA LEU A 151 2.89 -17.76 -25.84
C LEU A 151 3.80 -16.86 -24.98
N TRP A 152 3.56 -15.55 -25.00
CA TRP A 152 4.34 -14.66 -24.14
C TRP A 152 4.07 -15.06 -22.67
N ALA A 153 2.83 -15.43 -22.35
CA ALA A 153 2.45 -15.75 -20.98
C ALA A 153 3.12 -17.01 -20.48
N HIS A 154 3.37 -17.96 -21.39
CA HIS A 154 4.08 -19.18 -21.11
C HIS A 154 5.53 -18.89 -20.98
N VAL A 155 6.05 -18.20 -21.94
CA VAL A 155 7.47 -17.91 -22.01
C VAL A 155 8.00 -17.00 -20.91
N TYR A 156 7.24 -15.95 -20.64
CA TYR A 156 7.72 -14.93 -19.73
C TYR A 156 7.02 -14.99 -18.37
N ALA A 157 5.76 -15.46 -18.31
CA ALA A 157 4.96 -15.37 -17.08
C ALA A 157 4.66 -16.65 -16.36
N GLY A 158 5.41 -17.71 -16.70
CA GLY A 158 5.28 -19.02 -16.05
C GLY A 158 3.98 -19.76 -16.36
N ALA A 159 3.29 -19.42 -17.46
CA ALA A 159 1.99 -20.00 -17.73
C ALA A 159 2.14 -21.43 -18.19
N TYR B 1 -9.55 10.61 39.20
CA TYR B 1 -8.98 11.15 37.93
C TYR B 1 -7.63 11.82 38.12
N ILE B 2 -6.86 11.88 37.04
CA ILE B 2 -5.46 12.30 37.09
C ILE B 2 -5.01 12.90 35.73
N LYS B 3 -4.35 14.05 35.80
CA LYS B 3 -3.77 14.68 34.61
C LYS B 3 -2.51 13.88 34.22
N LEU B 4 -2.37 13.64 32.92
CA LEU B 4 -1.18 12.97 32.40
C LEU B 4 -0.71 13.64 31.12
N LYS B 5 0.58 13.92 31.04
CA LYS B 5 1.11 14.62 29.88
C LYS B 5 1.66 13.61 28.85
N VAL B 6 1.22 13.68 27.59
CA VAL B 6 1.79 12.83 26.53
C VAL B 6 2.75 13.64 25.65
N ILE B 7 4.02 13.20 25.61
CA ILE B 7 5.14 13.90 24.91
C ILE B 7 5.68 13.12 23.70
N GLY B 8 5.66 13.75 22.53
CA GLY B 8 6.23 13.15 21.32
C GLY B 8 7.64 13.66 21.10
N GLN B 9 8.29 13.15 20.06
CA GLN B 9 9.70 13.44 19.80
C GLN B 9 9.89 14.91 19.41
N ASP B 10 8.86 15.51 18.82
CA ASP B 10 8.85 16.97 18.60
C ASP B 10 8.91 17.77 19.91
N SER B 11 8.45 17.12 20.98
CA SER B 11 8.49 17.63 22.36
C SER B 11 7.19 18.34 22.70
N SER B 12 6.16 18.05 21.90
CA SER B 12 4.79 18.47 22.18
C SER B 12 4.32 17.81 23.47
N GLU B 13 3.50 18.54 24.23
CA GLU B 13 3.03 18.07 25.53
C GLU B 13 1.52 18.30 25.63
N ILE B 14 0.80 17.19 25.48
CA ILE B 14 -0.64 17.22 25.36
C ILE B 14 -1.27 16.58 26.59
N HIS B 15 -2.24 17.27 27.16
CA HIS B 15 -2.70 16.96 28.49
C HIS B 15 -3.95 16.11 28.43
N PHE B 16 -4.06 15.16 29.36
CA PHE B 16 -5.25 14.30 29.45
C PHE B 16 -5.78 14.13 30.89
N LYS B 17 -7.11 14.28 31.06
CA LYS B 17 -7.84 13.79 32.23
C LYS B 17 -8.10 12.28 32.09
N VAL B 18 -7.63 11.45 33.02
CA VAL B 18 -7.85 9.97 32.93
C VAL B 18 -8.31 9.34 34.26
N LYS B 19 -9.28 8.43 34.20
CA LYS B 19 -9.79 7.76 35.40
C LYS B 19 -8.81 6.71 35.90
N MET B 20 -8.72 6.61 37.22
CA MET B 20 -7.69 5.81 37.83
C MET B 20 -7.90 4.32 37.53
N THR B 21 -9.14 3.85 37.54
CA THR B 21 -9.43 2.43 37.32
C THR B 21 -10.11 2.21 35.98
N THR B 22 -9.44 2.68 34.92
CA THR B 22 -9.97 2.53 33.56
C THR B 22 -8.85 2.35 32.53
N HIS B 23 -9.10 1.41 31.61
CA HIS B 23 -8.13 1.01 30.60
C HIS B 23 -7.52 2.20 29.85
N LEU B 24 -6.19 2.16 29.74
CA LEU B 24 -5.41 3.17 29.02
C LEU B 24 -5.57 3.09 27.50
N LYS B 25 -6.23 2.02 27.05
CA LYS B 25 -6.87 1.93 25.73
C LYS B 25 -7.39 3.28 25.27
N LYS B 26 -8.25 3.88 26.10
CA LYS B 26 -8.91 5.15 25.77
C LYS B 26 -7.91 6.28 25.54
N LEU B 27 -6.99 6.48 26.47
CA LEU B 27 -5.94 7.49 26.34
C LEU B 27 -5.23 7.31 25.01
N LYS B 28 -4.73 6.09 24.78
CA LYS B 28 -3.94 5.77 23.59
C LYS B 28 -4.72 6.03 22.29
N GLU B 29 -6.02 5.71 22.29
CA GLU B 29 -6.84 5.87 21.07
C GLU B 29 -7.21 7.33 20.86
N SER B 30 -7.59 8.00 21.94
CA SER B 30 -7.81 9.43 21.93
C SER B 30 -6.59 10.25 21.45
N TYR B 31 -5.39 9.90 21.89
CA TYR B 31 -4.18 10.52 21.38
C TYR B 31 -4.00 10.29 19.86
N CYS B 32 -4.04 9.03 19.43
CA CYS B 32 -3.92 8.71 18.01
C CYS B 32 -5.01 9.41 17.18
N GLN B 33 -6.19 9.54 17.77
CA GLN B 33 -7.28 10.24 17.11
C GLN B 33 -6.98 11.75 16.98
N ARG B 34 -6.49 12.35 18.05
CA ARG B 34 -6.10 13.72 18.04
C ARG B 34 -5.11 14.03 16.95
N GLN B 35 -4.16 13.12 16.77
CA GLN B 35 -3.05 13.27 15.85
C GLN B 35 -3.33 12.68 14.47
N GLY B 36 -4.54 12.16 14.27
CA GLY B 36 -4.92 11.65 12.95
C GLY B 36 -4.17 10.44 12.39
N VAL B 37 -3.53 9.65 13.26
CA VAL B 37 -2.80 8.43 12.83
C VAL B 37 -3.48 7.16 13.38
N PRO B 38 -3.28 6.01 12.73
CA PRO B 38 -4.00 4.77 13.14
C PRO B 38 -3.48 4.32 14.49
N MET B 39 -4.30 3.69 15.33
CA MET B 39 -3.70 3.10 16.53
C MET B 39 -3.04 1.80 16.11
N ASN B 40 -2.03 1.42 16.88
CA ASN B 40 -1.02 0.46 16.45
C ASN B 40 0.09 1.13 15.64
N SER B 41 -0.06 2.41 15.27
CA SER B 41 1.01 3.13 14.58
C SER B 41 1.96 3.76 15.57
N LEU B 42 1.47 4.02 16.79
CA LEU B 42 2.27 4.58 17.86
C LEU B 42 2.30 3.64 19.06
N ARG B 43 3.44 3.67 19.76
CA ARG B 43 3.56 3.05 21.08
C ARG B 43 3.80 4.10 22.17
N PHE B 44 3.33 3.77 23.35
CA PHE B 44 3.30 4.65 24.48
C PHE B 44 4.11 4.04 25.61
N LEU B 45 5.04 4.80 26.19
CA LEU B 45 5.84 4.35 27.33
C LEU B 45 5.59 5.16 28.60
N PHE B 46 5.65 4.47 29.74
CA PHE B 46 5.75 5.09 31.05
C PHE B 46 6.90 4.40 31.77
N GLU B 47 7.84 5.18 32.30
CA GLU B 47 9.07 4.66 32.94
C GLU B 47 9.80 3.62 32.07
N GLY B 48 9.85 3.90 30.76
CA GLY B 48 10.60 3.08 29.79
C GLY B 48 10.00 1.71 29.48
N GLN B 49 8.71 1.57 29.76
CA GLN B 49 7.98 0.32 29.53
C GLN B 49 6.63 0.63 28.92
N ARG B 50 6.27 -0.13 27.89
CA ARG B 50 5.07 0.18 27.12
C ARG B 50 3.78 -0.05 27.89
N ILE B 51 2.91 0.95 27.84
CA ILE B 51 1.56 0.80 28.31
C ILE B 51 0.94 -0.29 27.46
N ALA B 52 -0.08 -0.95 27.98
CA ALA B 52 -0.89 -1.87 27.18
C ALA B 52 -2.35 -1.44 27.28
N ASP B 53 -3.19 -1.98 26.43
CA ASP B 53 -4.60 -1.57 26.38
C ASP B 53 -5.30 -1.94 27.69
N ASN B 54 -4.94 -3.11 28.24
CA ASN B 54 -5.49 -3.55 29.51
C ASN B 54 -4.96 -2.78 30.73
N HIS B 55 -3.74 -2.23 30.66
CA HIS B 55 -3.18 -1.43 31.76
C HIS B 55 -4.08 -0.27 32.12
N THR B 56 -4.06 0.08 33.41
CA THR B 56 -4.74 1.26 33.93
C THR B 56 -3.78 2.03 34.83
N PRO B 57 -4.09 3.29 35.14
CA PRO B 57 -3.29 4.04 36.09
C PRO B 57 -3.38 3.47 37.51
N LYS B 58 -4.47 2.75 37.80
CA LYS B 58 -4.60 2.03 39.07
C LYS B 58 -3.33 1.27 39.29
N GLU B 59 -3.05 0.31 38.41
CA GLU B 59 -1.76 -0.36 38.39
C GLU B 59 -0.75 0.63 37.80
N LEU B 60 0.50 0.21 37.61
CA LEU B 60 1.60 1.10 37.14
C LEU B 60 2.03 2.23 38.13
N GLY B 61 1.21 2.52 39.13
CA GLY B 61 1.55 3.51 40.15
C GLY B 61 1.55 4.93 39.62
N MET B 62 0.71 5.18 38.62
CA MET B 62 0.70 6.44 37.87
C MET B 62 0.12 7.62 38.66
N GLU B 63 0.82 8.75 38.64
CA GLU B 63 0.48 9.90 39.48
C GLU B 63 -0.04 11.11 38.70
N GLU B 64 -0.32 12.18 39.45
CA GLU B 64 -0.63 13.50 38.90
C GLU B 64 0.61 14.01 38.15
N GLU B 65 0.37 14.72 37.05
CA GLU B 65 1.43 15.35 36.24
C GLU B 65 2.43 14.37 35.62
N ASP B 66 2.24 13.07 35.82
CA ASP B 66 3.16 12.06 35.26
C ASP B 66 3.12 12.07 33.72
N VAL B 67 4.25 11.68 33.14
CA VAL B 67 4.52 11.85 31.74
C VAL B 67 4.40 10.49 31.04
N ILE B 68 3.84 10.49 29.85
CA ILE B 68 4.00 9.32 29.02
C ILE B 68 4.65 9.69 27.67
N GLU B 69 5.63 8.87 27.27
CA GLU B 69 6.44 9.09 26.07
C GLU B 69 5.86 8.28 24.91
N VAL B 70 5.57 8.94 23.79
CA VAL B 70 4.97 8.25 22.67
C VAL B 70 5.97 8.19 21.54
N TYR B 71 6.07 7.02 20.90
CA TYR B 71 6.96 6.82 19.76
C TYR B 71 6.22 6.17 18.60
N GLN B 72 6.68 6.46 17.39
CA GLN B 72 6.20 5.79 16.17
C GLN B 72 6.72 4.35 16.15
N GLU B 73 5.91 3.49 15.56
CA GLU B 73 6.24 2.12 15.35
C GLU B 73 6.89 1.94 13.97
N GLN B 74 7.90 1.07 13.95
CA GLN B 74 8.58 0.68 12.73
C GLN B 74 7.60 0.20 11.63
N THR B 75 6.84 -0.85 11.95
CA THR B 75 5.72 -1.29 11.10
C THR B 75 4.90 -0.12 10.63
N GLY B 76 4.71 0.85 11.54
CA GLY B 76 3.76 1.93 11.35
C GLY B 76 2.34 1.42 11.53
N GLY B 77 2.18 0.22 12.11
CA GLY B 77 0.89 -0.50 12.12
C GLY B 77 0.38 -0.83 10.71
#